data_4NZ6
#
_entry.id   4NZ6
#
_cell.length_a   71.420
_cell.length_b   75.120
_cell.length_c   110.580
_cell.angle_alpha   90.00
_cell.angle_beta   90.00
_cell.angle_gamma   90.00
#
_symmetry.space_group_name_H-M   'P 21 21 21'
#
loop_
_entity.id
_entity.type
_entity.pdbx_description
1 polymer 'tRNA pseudouridine synthase A, mitochondrial'
2 non-polymer 1,2-ETHANEDIOL
3 non-polymer 'TRIETHYLENE GLYCOL'
4 non-polymer D-LYSINE
5 non-polymer 'D-GLUTAMIC ACID'
6 water water
#
_entity_poly.entity_id   1
_entity_poly.type   'polypeptide(L)'
_entity_poly.pdbx_seq_one_letter_code
;SKRKIVLLMAYSGKGYHGMQRNVGSSQFKTIEDDLVSALVRSGCIPENHGEDMRKMSFQRCARTDKGVSAAGQVVSLKVW
LIDDILEKINSHLPSHIRILGLKRVTGGFNSKNRCDARTYCYLLPTFAFAHKDRDVQDETYRLSAETLQQVNRLLACYKG
THNFHNFTSQKGPQDPSACRYILEMYCEEPFVREGLEFAVIRVKGQSFMMHQIRKMVGLVVAIVKGYAPESVLERSWGTE
KVDVPKAPGLGLVLERVHFEKYNQRFGNDGLHEPLDWAQEEGKVAAFKEEHIYPTIIGTERDERSMAQWLSTL
;
_entity_poly.pdbx_strand_id   A,B
#
# COMPACT_ATOMS: atom_id res chain seq x y z
N LYS A 2 -19.97 -15.39 26.51
CA LYS A 2 -21.28 -16.01 26.55
C LYS A 2 -22.30 -15.18 25.77
N ARG A 3 -21.99 -13.92 25.53
CA ARG A 3 -22.88 -13.03 24.80
C ARG A 3 -22.15 -12.06 23.88
N LYS A 4 -22.60 -12.01 22.63
CA LYS A 4 -22.01 -11.14 21.62
C LYS A 4 -22.47 -9.69 21.83
N ILE A 5 -21.51 -8.80 22.01
CA ILE A 5 -21.82 -7.38 22.25
C ILE A 5 -21.15 -6.46 21.25
N VAL A 6 -21.65 -5.23 21.16
CA VAL A 6 -21.00 -4.20 20.38
C VAL A 6 -20.65 -3.04 21.31
N LEU A 7 -19.46 -2.46 21.10
CA LEU A 7 -19.01 -1.39 21.98
C LEU A 7 -18.78 -0.09 21.22
N LEU A 8 -19.28 1.00 21.78
CA LEU A 8 -18.93 2.33 21.32
C LEU A 8 -17.83 2.86 22.22
N MET A 9 -16.67 3.13 21.64
CA MET A 9 -15.52 3.58 22.43
C MET A 9 -14.80 4.76 21.78
N ALA A 10 -14.01 5.46 22.58
CA ALA A 10 -13.29 6.62 22.10
C ALA A 10 -11.89 6.66 22.69
N TYR A 11 -10.96 7.32 21.99
CA TYR A 11 -9.58 7.39 22.45
C TYR A 11 -8.77 8.53 21.84
N SER A 12 -7.85 9.06 22.62
CA SER A 12 -6.83 9.96 22.11
C SER A 12 -5.70 9.10 21.55
N GLY A 13 -5.35 9.33 20.29
CA GLY A 13 -4.43 8.46 19.58
C GLY A 13 -2.96 8.64 19.85
N LYS A 14 -2.59 9.76 20.48
CA LYS A 14 -1.18 10.03 20.78
C LYS A 14 -0.61 9.00 21.73
N GLY A 15 0.60 8.54 21.44
CA GLY A 15 1.27 7.57 22.30
C GLY A 15 0.92 6.13 21.98
N TYR A 16 0.22 5.93 20.86
CA TYR A 16 -0.15 4.59 20.42
C TYR A 16 0.26 4.37 18.97
N HIS A 17 0.35 3.14 18.55
CA HIS A 17 0.62 2.84 17.18
C HIS A 17 -0.61 2.34 16.48
N GLY A 18 -1.71 3.02 16.69
CA GLY A 18 -2.96 2.73 16.01
C GLY A 18 -3.91 1.89 16.83
N MET A 19 -5.00 1.46 16.19
CA MET A 19 -6.02 0.66 16.85
C MET A 19 -5.60 -0.80 16.95
N GLN A 20 -5.28 -1.39 15.81
CA GLN A 20 -5.00 -2.83 15.73
C GLN A 20 -3.49 -3.11 15.70
N ARG A 21 -3.15 -4.39 15.64
CA ARG A 21 -1.76 -4.86 15.59
C ARG A 21 -1.00 -4.50 16.86
N GLN A 27 7.32 -1.02 17.93
CA GLN A 27 6.11 -0.23 17.96
C GLN A 27 5.63 0.03 19.39
N PHE A 28 4.94 1.14 19.59
CA PHE A 28 4.27 1.39 20.87
C PHE A 28 3.08 0.45 20.99
N LYS A 29 2.45 0.45 22.16
CA LYS A 29 1.23 -0.33 22.36
C LYS A 29 0.12 0.22 21.48
N THR A 30 -0.93 -0.55 21.28
CA THR A 30 -2.08 -0.10 20.51
C THR A 30 -3.29 0.07 21.43
N ILE A 31 -4.35 0.67 20.89
CA ILE A 31 -5.57 0.88 21.65
C ILE A 31 -6.14 -0.45 22.16
N GLU A 32 -6.08 -1.46 21.29
CA GLU A 32 -6.62 -2.78 21.62
C GLU A 32 -5.83 -3.47 22.74
N ASP A 33 -4.55 -3.12 22.88
CA ASP A 33 -3.74 -3.63 23.98
C ASP A 33 -4.33 -3.19 25.32
N ASP A 34 -4.67 -1.90 25.42
CA ASP A 34 -5.29 -1.37 26.62
C ASP A 34 -6.67 -1.97 26.84
N LEU A 35 -7.42 -2.15 25.74
CA LEU A 35 -8.76 -2.71 25.81
C LEU A 35 -8.72 -4.16 26.27
N VAL A 36 -7.85 -4.95 25.67
CA VAL A 36 -7.70 -6.36 26.02
C VAL A 36 -7.31 -6.52 27.49
N SER A 37 -6.34 -5.72 27.92
CA SER A 37 -5.90 -5.74 29.31
CA SER A 37 -5.90 -5.74 29.31
C SER A 37 -7.05 -5.42 30.25
N ALA A 38 -7.85 -4.42 29.87
CA ALA A 38 -8.99 -4.01 30.67
C ALA A 38 -10.05 -5.11 30.71
N LEU A 39 -10.20 -5.81 29.59
CA LEU A 39 -11.16 -6.91 29.50
C LEU A 39 -10.75 -8.09 30.37
N VAL A 40 -9.46 -8.40 30.35
CA VAL A 40 -8.92 -9.50 31.15
C VAL A 40 -9.00 -9.17 32.64
N ARG A 41 -8.51 -8.00 33.01
CA ARG A 41 -8.49 -7.57 34.40
C ARG A 41 -9.88 -7.50 35.02
N SER A 42 -10.87 -7.10 34.21
CA SER A 42 -12.24 -6.96 34.70
C SER A 42 -12.96 -8.30 34.72
N GLY A 43 -12.44 -9.27 33.98
CA GLY A 43 -13.02 -10.60 33.95
C GLY A 43 -14.14 -10.74 32.93
N CYS A 44 -14.13 -9.89 31.92
CA CYS A 44 -15.11 -9.97 30.84
C CYS A 44 -14.77 -11.14 29.92
N ILE A 45 -13.48 -11.37 29.73
CA ILE A 45 -13.00 -12.48 28.92
C ILE A 45 -11.93 -13.26 29.67
N PRO A 46 -11.78 -14.55 29.36
CA PRO A 46 -10.66 -15.29 29.93
C PRO A 46 -9.35 -14.84 29.28
N GLU A 47 -8.22 -15.16 29.90
CA GLU A 47 -6.93 -14.68 29.44
C GLU A 47 -6.59 -15.12 28.01
N ASN A 48 -6.96 -16.34 27.66
CA ASN A 48 -6.66 -16.88 26.33
C ASN A 48 -7.43 -16.18 25.22
N HIS A 49 -8.58 -15.62 25.54
CA HIS A 49 -9.35 -14.83 24.58
C HIS A 49 -8.61 -13.54 24.24
N GLY A 50 -7.82 -13.07 25.19
CA GLY A 50 -7.04 -11.86 25.01
C GLY A 50 -5.79 -12.12 24.19
N GLU A 51 -5.19 -13.29 24.39
CA GLU A 51 -4.00 -13.67 23.65
C GLU A 51 -4.35 -14.03 22.20
N ASP A 52 -5.47 -14.71 22.04
CA ASP A 52 -5.99 -15.02 20.70
C ASP A 52 -7.33 -14.34 20.51
N MET A 53 -7.31 -13.18 19.86
CA MET A 53 -8.51 -12.37 19.68
C MET A 53 -9.40 -12.90 18.55
N ARG A 54 -9.73 -14.18 18.62
CA ARG A 54 -10.66 -14.79 17.68
C ARG A 54 -11.63 -15.67 18.47
N LYS A 55 -11.21 -16.06 19.67
CA LYS A 55 -12.03 -16.90 20.53
C LYS A 55 -13.15 -16.08 21.17
N MET A 56 -13.04 -14.77 21.07
CA MET A 56 -14.12 -13.88 21.51
C MET A 56 -14.72 -13.17 20.31
N SER A 57 -14.32 -13.61 19.12
CA SER A 57 -14.80 -13.05 17.85
C SER A 57 -14.68 -11.53 17.81
N PHE A 58 -13.46 -11.03 18.02
CA PHE A 58 -13.22 -9.60 18.08
C PHE A 58 -13.07 -8.99 16.69
N GLN A 59 -13.74 -7.87 16.46
CA GLN A 59 -13.63 -7.14 15.22
C GLN A 59 -13.70 -5.63 15.49
N ARG A 60 -13.08 -4.84 14.62
CA ARG A 60 -13.14 -3.37 14.74
C ARG A 60 -13.53 -2.76 13.39
N CYS A 61 -14.31 -1.68 13.45
CA CYS A 61 -14.82 -1.03 12.24
C CYS A 61 -13.75 -0.21 11.52
N ALA A 62 -12.97 0.52 12.29
CA ALA A 62 -11.95 1.39 11.71
C ALA A 62 -10.56 1.08 12.28
N ARG A 63 -9.67 0.64 11.40
CA ARG A 63 -8.28 0.45 11.76
C ARG A 63 -7.55 1.77 11.70
N THR A 64 -7.82 2.62 12.69
CA THR A 64 -7.19 3.95 12.74
C THR A 64 -5.68 3.82 12.83
N ASP A 65 -4.98 4.69 12.09
CA ASP A 65 -3.53 4.61 12.00
C ASP A 65 -2.85 5.17 13.25
N LYS A 66 -1.52 5.12 13.24
CA LYS A 66 -0.69 5.61 14.33
C LYS A 66 -0.93 7.09 14.63
N GLY A 67 -1.34 7.40 15.85
CA GLY A 67 -1.54 8.78 16.26
C GLY A 67 -2.96 9.30 16.04
N VAL A 68 -3.74 8.56 15.26
CA VAL A 68 -5.10 8.98 14.93
C VAL A 68 -6.06 8.73 16.09
N SER A 69 -6.87 9.73 16.40
CA SER A 69 -7.86 9.62 17.49
C SER A 69 -9.21 9.15 16.97
N ALA A 70 -10.12 8.89 17.90
CA ALA A 70 -11.46 8.45 17.55
C ALA A 70 -12.47 8.84 18.61
N ALA A 71 -13.55 9.49 18.20
CA ALA A 71 -14.61 9.88 19.13
C ALA A 71 -15.71 8.82 19.14
N GLY A 72 -15.77 8.00 18.08
CA GLY A 72 -16.80 7.01 17.96
C GLY A 72 -16.36 5.72 17.29
N GLN A 73 -15.28 5.14 17.79
CA GLN A 73 -14.85 3.82 17.33
C GLN A 73 -15.88 2.78 17.73
N VAL A 74 -16.07 1.77 16.88
CA VAL A 74 -17.03 0.71 17.16
C VAL A 74 -16.40 -0.68 17.02
N VAL A 75 -16.51 -1.49 18.06
CA VAL A 75 -15.99 -2.86 18.03
C VAL A 75 -17.05 -3.86 18.46
N SER A 76 -16.86 -5.11 18.07
CA SER A 76 -17.79 -6.19 18.43
C SER A 76 -17.04 -7.41 18.94
N LEU A 77 -17.61 -8.08 19.93
CA LEU A 77 -16.94 -9.21 20.58
C LEU A 77 -17.88 -9.97 21.51
N LYS A 78 -17.47 -11.16 21.93
CA LYS A 78 -18.22 -11.95 22.90
C LYS A 78 -17.55 -11.89 24.27
N VAL A 79 -18.34 -11.62 25.30
CA VAL A 79 -17.82 -11.51 26.66
C VAL A 79 -18.77 -12.13 27.68
N TRP A 80 -18.33 -12.21 28.93
CA TRP A 80 -19.21 -12.53 30.03
C TRP A 80 -19.93 -11.25 30.46
N LEU A 81 -21.25 -11.22 30.31
CA LEU A 81 -22.01 -10.03 30.63
C LEU A 81 -22.08 -9.79 32.14
N ILE A 82 -20.95 -9.44 32.73
CA ILE A 82 -20.88 -9.18 34.16
C ILE A 82 -21.61 -7.89 34.50
N ASP A 83 -22.07 -7.78 35.74
CA ASP A 83 -22.81 -6.60 36.20
C ASP A 83 -21.93 -5.35 36.16
N ASP A 84 -22.53 -4.22 35.80
CA ASP A 84 -21.81 -2.95 35.69
C ASP A 84 -20.58 -3.09 34.80
N ILE A 85 -20.74 -3.77 33.68
CA ILE A 85 -19.64 -4.08 32.78
C ILE A 85 -18.94 -2.84 32.23
N LEU A 86 -19.72 -1.79 31.93
CA LEU A 86 -19.17 -0.56 31.40
C LEU A 86 -18.23 0.10 32.39
N GLU A 87 -18.67 0.19 33.65
CA GLU A 87 -17.85 0.77 34.71
C GLU A 87 -16.58 -0.03 34.92
N LYS A 88 -16.73 -1.36 35.02
CA LYS A 88 -15.61 -2.24 35.32
C LYS A 88 -14.50 -2.15 34.28
N ILE A 89 -14.88 -2.21 33.00
CA ILE A 89 -13.91 -2.10 31.92
C ILE A 89 -13.19 -0.76 31.99
N ASN A 90 -13.95 0.32 32.13
CA ASN A 90 -13.40 1.67 32.20
C ASN A 90 -12.46 1.89 33.40
N SER A 91 -12.65 1.11 34.45
CA SER A 91 -11.85 1.26 35.67
C SER A 91 -10.42 0.77 35.47
N HIS A 92 -10.20 0.00 34.39
CA HIS A 92 -8.87 -0.51 34.10
C HIS A 92 -8.24 0.21 32.91
N LEU A 93 -8.91 1.26 32.44
CA LEU A 93 -8.43 2.05 31.31
C LEU A 93 -7.89 3.40 31.79
N PRO A 94 -6.97 4.00 31.02
CA PRO A 94 -6.55 5.37 31.30
C PRO A 94 -7.67 6.34 30.95
N SER A 95 -7.53 7.60 31.34
CA SER A 95 -8.57 8.58 31.10
CA SER A 95 -8.56 8.60 31.10
C SER A 95 -8.80 8.84 29.61
N HIS A 96 -7.75 8.67 28.81
CA HIS A 96 -7.83 8.97 27.38
C HIS A 96 -8.33 7.81 26.53
N ILE A 97 -8.89 6.80 27.18
CA ILE A 97 -9.64 5.75 26.49
C ILE A 97 -10.91 5.46 27.29
N ARG A 98 -12.06 5.59 26.64
CA ARG A 98 -13.34 5.40 27.33
C ARG A 98 -14.30 4.53 26.51
N ILE A 99 -14.94 3.58 27.19
CA ILE A 99 -16.04 2.85 26.57
C ILE A 99 -17.31 3.66 26.83
N LEU A 100 -17.94 4.12 25.77
CA LEU A 100 -19.07 5.04 25.89
C LEU A 100 -20.42 4.33 25.87
N GLY A 101 -20.49 3.20 25.19
CA GLY A 101 -21.74 2.47 25.05
C GLY A 101 -21.57 0.98 24.86
N LEU A 102 -22.61 0.23 25.22
CA LEU A 102 -22.61 -1.22 25.07
C LEU A 102 -24.01 -1.70 24.69
N LYS A 103 -24.07 -2.61 23.73
CA LYS A 103 -25.35 -3.17 23.28
C LYS A 103 -25.22 -4.66 22.96
N ARG A 104 -26.20 -5.44 23.38
CA ARG A 104 -26.24 -6.86 23.05
C ARG A 104 -26.78 -7.06 21.64
N VAL A 105 -26.01 -7.75 20.80
CA VAL A 105 -26.39 -7.98 19.42
C VAL A 105 -26.49 -9.47 19.13
N THR A 106 -26.99 -9.82 17.95
CA THR A 106 -27.06 -11.21 17.53
C THR A 106 -25.65 -11.76 17.29
N GLY A 107 -25.51 -13.07 17.39
CA GLY A 107 -24.21 -13.72 17.31
C GLY A 107 -23.49 -13.55 15.98
N GLY A 108 -24.25 -13.36 14.91
CA GLY A 108 -23.68 -13.26 13.58
C GLY A 108 -23.27 -11.85 13.19
N PHE A 109 -23.40 -10.91 14.11
CA PHE A 109 -23.09 -9.51 13.82
C PHE A 109 -21.60 -9.26 13.69
N ASN A 110 -21.20 -8.77 12.52
CA ASN A 110 -19.81 -8.38 12.28
C ASN A 110 -19.74 -6.89 11.98
N SER A 111 -19.26 -6.12 12.95
CA SER A 111 -19.30 -4.65 12.89
C SER A 111 -18.56 -4.05 11.68
N LYS A 112 -17.39 -4.58 11.38
CA LYS A 112 -16.59 -4.12 10.24
C LYS A 112 -17.30 -4.38 8.91
N ASN A 113 -17.97 -5.52 8.83
CA ASN A 113 -18.64 -5.92 7.59
C ASN A 113 -20.01 -5.31 7.39
N ARG A 114 -20.50 -4.60 8.41
CA ARG A 114 -21.89 -4.11 8.38
C ARG A 114 -22.01 -2.59 8.31
N CYS A 115 -20.98 -1.88 8.75
CA CYS A 115 -21.01 -0.42 8.76
C CYS A 115 -20.87 0.13 7.34
N ASP A 116 -21.51 1.27 7.09
CA ASP A 116 -21.39 1.93 5.81
C ASP A 116 -20.36 3.07 5.61
N ALA A 117 -20.67 4.24 6.02
CA ALA A 117 -19.99 5.48 5.63
C ALA A 117 -19.30 5.78 6.94
N ARG A 118 -18.22 6.56 6.87
CA ARG A 118 -17.56 7.06 8.06
C ARG A 118 -17.42 8.57 7.98
N THR A 119 -17.53 9.23 9.12
CA THR A 119 -17.29 10.66 9.19
C THR A 119 -16.04 10.93 10.05
N TYR A 120 -15.08 11.62 9.46
CA TYR A 120 -13.87 12.03 10.17
C TYR A 120 -13.82 13.54 10.25
N CYS A 121 -13.10 14.05 11.25
CA CYS A 121 -12.75 15.46 11.27
C CYS A 121 -11.24 15.59 11.35
N TYR A 122 -10.72 16.74 10.91
CA TYR A 122 -9.28 17.00 10.95
C TYR A 122 -9.02 18.36 11.58
N LEU A 123 -8.48 18.36 12.80
CA LEU A 123 -8.21 19.59 13.53
C LEU A 123 -6.78 20.04 13.28
N LEU A 124 -6.62 21.24 12.75
CA LEU A 124 -5.30 21.75 12.39
C LEU A 124 -5.16 23.24 12.64
N PRO A 125 -3.94 23.69 12.95
CA PRO A 125 -3.66 25.13 13.08
C PRO A 125 -3.89 25.83 11.74
N THR A 126 -4.43 27.04 11.77
CA THR A 126 -4.85 27.70 10.53
C THR A 126 -3.70 28.18 9.65
N PHE A 127 -2.47 28.22 10.18
CA PHE A 127 -1.33 28.62 9.37
C PHE A 127 -0.97 27.56 8.33
N ALA A 128 -1.68 26.45 8.36
CA ALA A 128 -1.59 25.43 7.32
C ALA A 128 -2.22 25.94 6.03
N PHE A 129 -2.96 27.06 6.13
CA PHE A 129 -3.59 27.67 4.97
C PHE A 129 -2.95 29.02 4.63
N ALA A 130 -1.91 29.39 5.36
CA ALA A 130 -1.23 30.66 5.13
C ALA A 130 -0.35 30.60 3.88
N HIS A 131 -0.57 31.53 2.96
CA HIS A 131 0.20 31.56 1.71
C HIS A 131 1.66 31.85 1.99
N LYS A 132 2.55 31.05 1.39
CA LYS A 132 3.98 31.13 1.67
C LYS A 132 4.61 32.46 1.24
N ASP A 133 3.94 33.17 0.35
CA ASP A 133 4.48 34.42 -0.19
C ASP A 133 3.86 35.65 0.44
N ARG A 134 2.59 35.56 0.83
CA ARG A 134 1.84 36.73 1.28
C ARG A 134 1.57 36.79 2.78
N ASP A 135 1.58 35.62 3.44
CA ASP A 135 1.19 35.56 4.84
C ASP A 135 2.31 35.11 5.76
N VAL A 136 2.17 35.42 7.05
CA VAL A 136 3.09 34.92 8.06
C VAL A 136 2.90 33.42 8.22
N GLN A 137 3.95 32.72 8.60
CA GLN A 137 3.94 31.27 8.61
C GLN A 137 3.96 30.65 10.01
N ASP A 138 3.59 31.44 11.01
CA ASP A 138 3.61 30.94 12.39
C ASP A 138 2.28 31.07 13.11
N GLU A 139 2.32 30.90 14.43
CA GLU A 139 1.13 30.90 15.28
C GLU A 139 0.38 32.23 15.30
N THR A 140 1.04 33.29 14.82
CA THR A 140 0.43 34.62 14.82
C THR A 140 -0.53 34.82 13.65
N TYR A 141 -0.45 33.93 12.66
CA TYR A 141 -1.32 34.00 11.49
C TYR A 141 -2.79 33.83 11.86
N ARG A 142 -3.65 34.63 11.24
CA ARG A 142 -5.09 34.50 11.42
C ARG A 142 -5.77 34.29 10.07
N LEU A 143 -6.65 33.30 10.01
CA LEU A 143 -7.31 32.91 8.77
C LEU A 143 -8.24 34.01 8.26
N SER A 144 -8.05 34.39 7.00
CA SER A 144 -8.91 35.39 6.38
C SER A 144 -10.16 34.73 5.83
N ALA A 145 -11.20 35.53 5.58
CA ALA A 145 -12.44 35.02 5.02
C ALA A 145 -12.23 34.51 3.61
N GLU A 146 -11.37 35.21 2.86
CA GLU A 146 -11.08 34.84 1.47
C GLU A 146 -10.38 33.50 1.37
N THR A 147 -9.41 33.27 2.26
CA THR A 147 -8.68 32.01 2.27
C THR A 147 -9.58 30.84 2.62
N LEU A 148 -10.44 31.02 3.62
CA LEU A 148 -11.38 29.99 4.02
C LEU A 148 -12.34 29.64 2.88
N GLN A 149 -12.76 30.67 2.13
CA GLN A 149 -13.60 30.48 0.95
C GLN A 149 -12.89 29.62 -0.08
N GLN A 150 -11.59 29.89 -0.26
CA GLN A 150 -10.77 29.11 -1.18
C GLN A 150 -10.68 27.65 -0.73
N VAL A 151 -10.42 27.46 0.56
CA VAL A 151 -10.32 26.12 1.13
C VAL A 151 -11.60 25.34 0.90
N ASN A 152 -12.74 25.93 1.26
CA ASN A 152 -14.03 25.28 1.08
C ASN A 152 -14.37 25.00 -0.39
N ARG A 153 -13.96 25.90 -1.27
CA ARG A 153 -14.19 25.70 -2.70
C ARG A 153 -13.41 24.49 -3.20
N LEU A 154 -12.16 24.36 -2.76
CA LEU A 154 -11.31 23.25 -3.16
C LEU A 154 -11.78 21.93 -2.56
N LEU A 155 -12.08 21.94 -1.26
CA LEU A 155 -12.57 20.75 -0.57
C LEU A 155 -13.85 20.23 -1.19
N ALA A 156 -14.70 21.16 -1.64
CA ALA A 156 -15.98 20.79 -2.25
C ALA A 156 -15.78 19.99 -3.54
N CYS A 157 -14.65 20.20 -4.21
CA CYS A 157 -14.36 19.49 -5.45
C CYS A 157 -14.17 17.98 -5.21
N TYR A 158 -13.81 17.62 -3.98
CA TYR A 158 -13.63 16.22 -3.60
C TYR A 158 -14.96 15.46 -3.59
N LYS A 159 -16.06 16.19 -3.41
CA LYS A 159 -17.38 15.57 -3.28
C LYS A 159 -17.76 14.76 -4.52
N GLY A 160 -18.51 13.68 -4.30
CA GLY A 160 -18.91 12.80 -5.37
C GLY A 160 -17.97 11.62 -5.50
N THR A 161 -18.02 10.93 -6.64
CA THR A 161 -17.14 9.79 -6.89
C THR A 161 -15.94 10.20 -7.73
N HIS A 162 -14.76 9.72 -7.33
CA HIS A 162 -13.54 10.01 -8.07
C HIS A 162 -12.62 8.79 -8.03
N ASN A 163 -11.62 8.79 -8.92
CA ASN A 163 -10.54 7.82 -8.85
C ASN A 163 -9.49 8.36 -7.89
N PHE A 164 -9.43 7.77 -6.69
CA PHE A 164 -8.56 8.26 -5.63
C PHE A 164 -7.23 7.51 -5.54
N HIS A 165 -6.76 6.95 -6.65
CA HIS A 165 -5.54 6.15 -6.64
C HIS A 165 -4.31 6.93 -6.17
N ASN A 166 -4.29 8.24 -6.45
CA ASN A 166 -3.18 9.10 -6.04
C ASN A 166 -3.22 9.46 -4.56
N PHE A 167 -4.30 9.08 -3.89
CA PHE A 167 -4.48 9.45 -2.49
C PHE A 167 -4.28 8.27 -1.55
N THR A 168 -3.62 7.23 -2.05
CA THR A 168 -3.20 6.11 -1.21
C THR A 168 -1.85 5.61 -1.73
N SER A 169 -1.46 4.40 -1.33
CA SER A 169 -0.20 3.83 -1.78
C SER A 169 -0.39 2.48 -2.47
N GLN A 170 0.43 2.23 -3.48
CA GLN A 170 0.43 0.96 -4.22
C GLN A 170 -0.93 0.61 -4.83
N LYS A 171 -1.55 1.59 -5.47
CA LYS A 171 -2.82 1.36 -6.18
C LYS A 171 -2.77 1.93 -7.59
N GLY A 172 -3.15 1.11 -8.56
CA GLY A 172 -3.18 1.52 -9.96
C GLY A 172 -4.47 2.23 -10.31
N PRO A 173 -4.42 3.08 -11.35
CA PRO A 173 -5.58 3.86 -11.82
C PRO A 173 -6.69 2.99 -12.36
N GLN A 174 -6.35 1.81 -12.87
CA GLN A 174 -7.34 0.91 -13.47
C GLN A 174 -7.97 -0.01 -12.44
N ASP A 175 -7.45 0.01 -11.22
CA ASP A 175 -7.99 -0.77 -10.12
C ASP A 175 -9.32 -0.16 -9.68
N PRO A 176 -10.42 -0.92 -9.82
CA PRO A 176 -11.76 -0.47 -9.44
C PRO A 176 -11.84 -0.06 -7.97
N SER A 177 -11.04 -0.69 -7.14
CA SER A 177 -11.06 -0.41 -5.71
C SER A 177 -10.42 0.94 -5.37
N ALA A 178 -9.85 1.60 -6.37
CA ALA A 178 -9.24 2.91 -6.15
C ALA A 178 -10.27 4.02 -6.16
N CYS A 179 -11.44 3.73 -6.74
CA CYS A 179 -12.53 4.70 -6.76
C CYS A 179 -13.22 4.75 -5.40
N ARG A 180 -13.51 5.96 -4.93
CA ARG A 180 -14.16 6.14 -3.63
C ARG A 180 -15.21 7.26 -3.71
N TYR A 181 -16.13 7.25 -2.75
CA TYR A 181 -17.26 8.18 -2.77
C TYR A 181 -17.21 9.14 -1.58
N ILE A 182 -17.18 10.44 -1.87
CA ILE A 182 -17.19 11.46 -0.82
C ILE A 182 -18.53 12.17 -0.76
N LEU A 183 -19.22 12.03 0.37
CA LEU A 183 -20.54 12.61 0.53
C LEU A 183 -20.46 14.09 0.89
N GLU A 184 -19.49 14.44 1.73
CA GLU A 184 -19.34 15.82 2.16
C GLU A 184 -17.91 16.12 2.61
N MET A 185 -17.46 17.34 2.34
CA MET A 185 -16.18 17.81 2.84
C MET A 185 -16.13 19.34 2.87
N TYR A 186 -15.82 19.89 4.04
CA TYR A 186 -15.77 21.33 4.21
C TYR A 186 -14.88 21.70 5.39
N CYS A 187 -14.67 22.99 5.58
CA CYS A 187 -13.89 23.49 6.71
C CYS A 187 -14.70 24.50 7.50
N GLU A 188 -14.83 24.27 8.80
CA GLU A 188 -15.62 25.15 9.66
C GLU A 188 -14.89 26.46 9.95
N GLU A 189 -15.61 27.42 10.52
CA GLU A 189 -15.03 28.70 10.90
C GLU A 189 -13.97 28.49 11.96
N PRO A 190 -12.89 29.29 11.90
CA PRO A 190 -11.76 29.11 12.83
C PRO A 190 -12.10 29.54 14.26
N PHE A 191 -11.38 28.98 15.22
CA PHE A 191 -11.53 29.37 16.62
C PHE A 191 -10.16 29.50 17.29
N VAL A 192 -10.07 30.40 18.26
CA VAL A 192 -8.82 30.62 18.98
C VAL A 192 -8.84 30.01 20.37
N ARG A 193 -7.79 29.29 20.71
CA ARG A 193 -7.65 28.72 22.05
C ARG A 193 -6.20 28.87 22.49
N GLU A 194 -6.00 29.72 23.52
CA GLU A 194 -4.67 30.00 24.06
C GLU A 194 -3.73 30.62 23.02
N GLY A 195 -4.22 31.65 22.32
CA GLY A 195 -3.40 32.38 21.37
C GLY A 195 -3.15 31.66 20.06
N LEU A 196 -3.68 30.45 19.92
CA LEU A 196 -3.53 29.68 18.70
C LEU A 196 -4.87 29.47 18.00
N GLU A 197 -4.91 29.71 16.70
CA GLU A 197 -6.13 29.58 15.92
C GLU A 197 -6.18 28.24 15.20
N PHE A 198 -7.29 27.53 15.37
CA PHE A 198 -7.49 26.23 14.74
C PHE A 198 -8.74 26.23 13.88
N ALA A 199 -8.86 25.23 13.01
CA ALA A 199 -10.07 25.02 12.23
C ALA A 199 -10.33 23.53 12.11
N VAL A 200 -11.60 23.16 11.96
CA VAL A 200 -11.96 21.77 11.82
C VAL A 200 -12.42 21.45 10.40
N ILE A 201 -11.69 20.57 9.73
CA ILE A 201 -12.12 20.04 8.44
C ILE A 201 -12.92 18.78 8.71
N ARG A 202 -14.09 18.68 8.09
CA ARG A 202 -14.92 17.49 8.26
C ARG A 202 -15.16 16.80 6.93
N VAL A 203 -15.04 15.48 6.91
CA VAL A 203 -15.26 14.70 5.69
C VAL A 203 -16.11 13.47 5.97
N LYS A 204 -17.06 13.20 5.08
CA LYS A 204 -17.84 11.98 5.14
C LYS A 204 -17.70 11.20 3.84
N GLY A 205 -17.24 9.96 3.95
CA GLY A 205 -17.08 9.11 2.78
C GLY A 205 -17.66 7.73 3.02
N GLN A 206 -18.07 7.07 1.94
CA GLN A 206 -18.66 5.73 2.03
C GLN A 206 -17.64 4.74 2.55
N SER A 207 -16.39 4.94 2.14
CA SER A 207 -15.26 4.15 2.63
C SER A 207 -13.97 4.87 2.31
N PHE A 208 -12.92 4.59 3.07
CA PHE A 208 -11.64 5.25 2.88
C PHE A 208 -10.50 4.27 2.69
N MET A 209 -9.53 4.62 1.85
CA MET A 209 -8.32 3.84 1.69
C MET A 209 -7.24 4.34 2.65
N MET A 210 -6.17 3.58 2.77
CA MET A 210 -5.05 3.97 3.63
C MET A 210 -4.46 5.30 3.18
N HIS A 211 -4.26 6.19 4.14
CA HIS A 211 -3.67 7.52 3.92
C HIS A 211 -4.56 8.49 3.13
N GLN A 212 -5.79 8.08 2.81
CA GLN A 212 -6.64 8.87 1.92
C GLN A 212 -6.95 10.28 2.42
N ILE A 213 -7.49 10.36 3.64
CA ILE A 213 -7.89 11.65 4.19
C ILE A 213 -6.69 12.56 4.39
N ARG A 214 -5.59 11.99 4.90
CA ARG A 214 -4.36 12.74 5.13
CA ARG A 214 -4.38 12.77 5.13
C ARG A 214 -3.81 13.32 3.82
N LYS A 215 -3.97 12.58 2.74
CA LYS A 215 -3.49 13.03 1.43
C LYS A 215 -4.45 14.03 0.80
N MET A 216 -5.75 13.85 1.03
CA MET A 216 -6.75 14.79 0.55
C MET A 216 -6.52 16.15 1.18
N VAL A 217 -6.29 16.16 2.49
CA VAL A 217 -6.00 17.38 3.23
C VAL A 217 -4.65 17.96 2.81
N GLY A 218 -3.64 17.10 2.69
CA GLY A 218 -2.31 17.52 2.33
C GLY A 218 -2.23 18.24 1.00
N LEU A 219 -2.96 17.74 0.01
CA LEU A 219 -2.95 18.34 -1.33
C LEU A 219 -3.56 19.74 -1.32
N VAL A 220 -4.68 19.89 -0.62
CA VAL A 220 -5.34 21.19 -0.51
C VAL A 220 -4.44 22.19 0.23
N VAL A 221 -3.78 21.72 1.28
CA VAL A 221 -2.83 22.54 2.02
C VAL A 221 -1.71 23.04 1.11
N ALA A 222 -1.15 22.13 0.32
CA ALA A 222 -0.09 22.47 -0.62
C ALA A 222 -0.54 23.52 -1.62
N ILE A 223 -1.78 23.39 -2.09
CA ILE A 223 -2.34 24.31 -3.06
C ILE A 223 -2.56 25.70 -2.47
N VAL A 224 -3.25 25.75 -1.33
CA VAL A 224 -3.58 27.01 -0.67
C VAL A 224 -2.33 27.78 -0.25
N LYS A 225 -1.31 27.06 0.20
CA LYS A 225 -0.06 27.70 0.63
C LYS A 225 0.80 28.16 -0.55
N GLY A 226 0.54 27.62 -1.73
CA GLY A 226 1.21 28.06 -2.93
C GLY A 226 2.35 27.18 -3.40
N TYR A 227 2.40 25.96 -2.87
CA TYR A 227 3.44 25.00 -3.27
C TYR A 227 3.04 24.23 -4.52
N ALA A 228 1.77 24.35 -4.89
CA ALA A 228 1.24 23.69 -6.09
C ALA A 228 0.11 24.52 -6.68
N PRO A 229 -0.03 24.48 -8.02
CA PRO A 229 -1.12 25.21 -8.67
C PRO A 229 -2.45 24.51 -8.44
N GLU A 230 -3.55 25.26 -8.52
CA GLU A 230 -4.87 24.68 -8.28
C GLU A 230 -5.22 23.60 -9.29
N SER A 231 -4.60 23.69 -10.47
CA SER A 231 -4.88 22.75 -11.55
C SER A 231 -4.52 21.30 -11.20
N VAL A 232 -3.67 21.13 -10.19
CA VAL A 232 -3.22 19.80 -9.79
C VAL A 232 -4.34 19.00 -9.12
N LEU A 233 -5.33 19.70 -8.57
CA LEU A 233 -6.43 19.05 -7.88
C LEU A 233 -7.27 18.21 -8.83
N GLU A 234 -7.77 18.84 -9.87
CA GLU A 234 -8.59 18.14 -10.86
C GLU A 234 -7.75 17.10 -11.61
N ARG A 235 -6.46 17.39 -11.75
CA ARG A 235 -5.55 16.49 -12.43
C ARG A 235 -5.28 15.24 -11.59
N SER A 236 -5.50 15.34 -10.28
CA SER A 236 -5.16 14.27 -9.35
C SER A 236 -6.07 13.04 -9.45
N TRP A 237 -7.30 13.20 -9.94
CA TRP A 237 -8.23 12.10 -10.10
CA TRP A 237 -8.17 12.05 -10.09
C TRP A 237 -8.20 11.51 -11.51
N GLY A 238 -7.24 11.96 -12.32
CA GLY A 238 -7.07 11.44 -13.66
C GLY A 238 -6.27 10.15 -13.62
N THR A 239 -5.82 9.68 -14.79
CA THR A 239 -5.01 8.47 -14.86
C THR A 239 -3.57 8.74 -14.47
N GLU A 240 -3.14 10.00 -14.62
CA GLU A 240 -1.77 10.40 -14.31
C GLU A 240 -1.46 10.25 -12.83
N LYS A 241 -0.20 9.93 -12.51
CA LYS A 241 0.25 9.87 -11.13
C LYS A 241 0.58 11.27 -10.63
N VAL A 242 0.21 11.55 -9.39
CA VAL A 242 0.53 12.83 -8.76
C VAL A 242 1.15 12.58 -7.39
N ASP A 243 2.31 13.20 -7.16
CA ASP A 243 3.00 13.08 -5.87
C ASP A 243 2.27 13.90 -4.81
N VAL A 244 1.32 13.28 -4.14
CA VAL A 244 0.45 13.97 -3.19
C VAL A 244 1.03 13.98 -1.77
N PRO A 245 1.19 15.19 -1.20
CA PRO A 245 1.70 15.34 0.16
C PRO A 245 0.75 14.75 1.19
N LYS A 246 1.30 14.09 2.20
CA LYS A 246 0.50 13.42 3.23
C LYS A 246 0.57 14.17 4.56
N ALA A 247 -0.55 14.74 4.98
CA ALA A 247 -0.63 15.48 6.24
C ALA A 247 -0.44 14.54 7.44
N PRO A 248 0.01 15.09 8.58
CA PRO A 248 0.19 14.27 9.79
C PRO A 248 -1.12 13.64 10.28
N GLY A 249 -1.02 12.57 11.05
CA GLY A 249 -2.19 11.87 11.55
C GLY A 249 -2.75 12.45 12.84
N LEU A 250 -1.99 13.35 13.47
CA LEU A 250 -2.35 13.92 14.76
C LEU A 250 -3.74 14.56 14.77
N GLY A 251 -4.04 15.36 13.76
CA GLY A 251 -5.29 16.08 13.72
C GLY A 251 -6.48 15.23 13.33
N LEU A 252 -6.21 14.03 12.83
CA LEU A 252 -7.27 13.17 12.30
C LEU A 252 -8.07 12.48 13.41
N VAL A 253 -9.39 12.62 13.36
CA VAL A 253 -10.27 12.03 14.35
C VAL A 253 -11.45 11.32 13.69
N LEU A 254 -11.65 10.05 14.03
CA LEU A 254 -12.84 9.32 13.59
C LEU A 254 -14.03 9.76 14.45
N GLU A 255 -14.97 10.46 13.83
CA GLU A 255 -16.10 11.01 14.57
C GLU A 255 -17.26 10.03 14.69
N ARG A 256 -17.60 9.37 13.59
CA ARG A 256 -18.78 8.51 13.58
C ARG A 256 -18.66 7.36 12.59
N VAL A 257 -19.06 6.17 13.05
CA VAL A 257 -19.21 5.01 12.19
C VAL A 257 -20.71 4.83 11.92
N HIS A 258 -21.11 5.03 10.67
CA HIS A 258 -22.53 5.05 10.33
C HIS A 258 -23.12 3.65 10.15
N PHE A 259 -24.38 3.50 10.57
CA PHE A 259 -25.08 2.23 10.47
C PHE A 259 -26.47 2.38 9.86
N GLU A 260 -26.71 3.51 9.21
CA GLU A 260 -28.03 3.81 8.65
C GLU A 260 -28.45 2.81 7.57
N LYS A 261 -27.53 2.53 6.65
CA LYS A 261 -27.82 1.56 5.59
C LYS A 261 -27.96 0.14 6.13
N TYR A 262 -27.21 -0.17 7.19
CA TYR A 262 -27.31 -1.46 7.84
C TYR A 262 -28.68 -1.65 8.48
N ASN A 263 -29.14 -0.61 9.18
CA ASN A 263 -30.44 -0.64 9.83
C ASN A 263 -31.59 -0.79 8.83
N GLN A 264 -31.39 -0.28 7.62
CA GLN A 264 -32.41 -0.37 6.58
C GLN A 264 -32.38 -1.72 5.89
N ARG A 265 -31.20 -2.11 5.41
CA ARG A 265 -31.06 -3.34 4.61
C ARG A 265 -31.10 -4.61 5.44
N PHE A 266 -30.46 -4.58 6.62
CA PHE A 266 -30.36 -5.77 7.46
C PHE A 266 -31.30 -5.72 8.66
N GLY A 267 -31.60 -4.51 9.13
CA GLY A 267 -32.36 -4.31 10.36
C GLY A 267 -33.64 -5.10 10.48
N ASN A 268 -34.32 -5.34 9.36
CA ASN A 268 -35.55 -6.11 9.36
C ASN A 268 -35.31 -7.54 8.90
N LEU A 271 -32.84 -11.66 11.30
CA LEU A 271 -31.72 -12.18 12.05
C LEU A 271 -30.80 -11.06 12.52
N HIS A 272 -31.26 -9.81 12.37
CA HIS A 272 -30.48 -8.65 12.76
C HIS A 272 -31.32 -7.61 13.48
N GLU A 273 -30.66 -6.78 14.29
CA GLU A 273 -31.34 -5.73 15.03
C GLU A 273 -30.70 -4.37 14.73
N PRO A 274 -31.52 -3.31 14.68
CA PRO A 274 -31.05 -1.96 14.38
C PRO A 274 -30.02 -1.46 15.40
N LEU A 275 -28.94 -0.85 14.92
CA LEU A 275 -27.91 -0.31 15.79
C LEU A 275 -27.92 1.22 15.74
N ASP A 276 -27.99 1.85 16.90
CA ASP A 276 -28.10 3.30 16.97
C ASP A 276 -27.52 3.86 18.27
N TRP A 277 -26.56 4.77 18.14
CA TRP A 277 -25.90 5.36 19.31
C TRP A 277 -26.35 6.80 19.57
N ALA A 278 -27.56 7.14 19.13
CA ALA A 278 -28.07 8.50 19.26
C ALA A 278 -28.13 8.98 20.72
N GLN A 279 -28.35 8.05 21.63
CA GLN A 279 -28.44 8.38 23.06
C GLN A 279 -27.07 8.69 23.67
N GLU A 280 -26.01 8.15 23.08
CA GLU A 280 -24.66 8.31 23.62
C GLU A 280 -23.92 9.49 22.98
N GLU A 281 -24.61 10.26 22.17
CA GLU A 281 -23.99 11.37 21.44
C GLU A 281 -23.43 12.44 22.38
N GLY A 282 -24.06 12.58 23.54
CA GLY A 282 -23.59 13.54 24.54
C GLY A 282 -22.21 13.18 25.06
N LYS A 283 -22.02 11.91 25.37
CA LYS A 283 -20.74 11.42 25.88
C LYS A 283 -19.68 11.45 24.78
N VAL A 284 -20.12 11.28 23.53
CA VAL A 284 -19.22 11.31 22.39
C VAL A 284 -18.64 12.70 22.19
N ALA A 285 -19.50 13.71 22.23
CA ALA A 285 -19.07 15.09 22.09
C ALA A 285 -18.22 15.52 23.29
N ALA A 286 -18.62 15.05 24.47
CA ALA A 286 -17.90 15.38 25.71
C ALA A 286 -16.47 14.89 25.69
N PHE A 287 -16.27 13.64 25.30
CA PHE A 287 -14.93 13.06 25.27
C PHE A 287 -14.06 13.74 24.22
N LYS A 288 -14.67 14.10 23.10
CA LYS A 288 -13.95 14.75 22.01
C LYS A 288 -13.39 16.08 22.47
N GLU A 289 -14.23 16.85 23.17
CA GLU A 289 -13.86 18.19 23.62
C GLU A 289 -12.94 18.16 24.85
N GLU A 290 -13.01 17.08 25.62
CA GLU A 290 -12.27 17.00 26.88
C GLU A 290 -10.96 16.22 26.79
N HIS A 291 -10.87 15.29 25.85
CA HIS A 291 -9.71 14.41 25.80
C HIS A 291 -9.04 14.33 24.42
N ILE A 292 -9.82 14.49 23.36
CA ILE A 292 -9.26 14.41 22.01
C ILE A 292 -8.70 15.74 21.54
N TYR A 293 -9.55 16.76 21.50
CA TYR A 293 -9.12 18.10 21.08
C TYR A 293 -7.98 18.72 21.90
N PRO A 294 -8.08 18.72 23.24
CA PRO A 294 -7.01 19.35 24.02
C PRO A 294 -5.63 18.71 23.84
N THR A 295 -5.60 17.40 23.58
CA THR A 295 -4.32 16.72 23.34
C THR A 295 -3.72 17.13 22.01
N ILE A 296 -4.56 17.22 20.98
CA ILE A 296 -4.12 17.70 19.66
C ILE A 296 -3.63 19.15 19.76
N ILE A 297 -4.44 19.99 20.40
CA ILE A 297 -4.11 21.41 20.55
C ILE A 297 -2.82 21.61 21.34
N GLY A 298 -2.71 20.93 22.47
CA GLY A 298 -1.54 21.03 23.31
C GLY A 298 -0.29 20.54 22.61
N THR A 299 -0.43 19.46 21.84
CA THR A 299 0.70 18.89 21.10
C THR A 299 1.20 19.85 20.04
N GLU A 300 0.28 20.53 19.36
CA GLU A 300 0.65 21.50 18.35
C GLU A 300 1.33 22.71 18.98
N ARG A 301 0.87 23.10 20.16
CA ARG A 301 1.42 24.24 20.87
C ARG A 301 2.85 23.99 21.36
N ASP A 302 3.09 22.77 21.84
CA ASP A 302 4.36 22.46 22.51
C ASP A 302 5.36 21.74 21.61
N GLU A 303 4.86 20.97 20.65
CA GLU A 303 5.73 20.16 19.80
C GLU A 303 5.75 20.62 18.35
N ARG A 304 4.82 21.51 18.01
CA ARG A 304 4.74 22.11 16.67
C ARG A 304 4.71 21.06 15.56
N SER A 305 3.84 20.07 15.72
CA SER A 305 3.72 18.97 14.77
C SER A 305 3.43 19.43 13.34
N MET A 306 2.42 20.28 13.19
CA MET A 306 2.01 20.76 11.88
C MET A 306 3.10 21.62 11.23
N ALA A 307 3.68 22.51 12.03
CA ALA A 307 4.72 23.42 11.54
C ALA A 307 5.92 22.65 10.98
N GLN A 308 6.32 21.60 11.68
CA GLN A 308 7.45 20.77 11.25
C GLN A 308 7.18 20.10 9.92
N TRP A 309 5.94 19.64 9.74
CA TRP A 309 5.56 18.99 8.48
C TRP A 309 5.46 20.00 7.35
N LEU A 310 4.94 21.19 7.65
CA LEU A 310 4.80 22.24 6.66
C LEU A 310 6.17 22.66 6.10
N SER A 311 7.21 22.49 6.91
CA SER A 311 8.57 22.82 6.50
C SER A 311 9.05 21.91 5.38
N THR A 312 8.50 20.70 5.32
CA THR A 312 8.94 19.70 4.36
C THR A 312 8.28 19.83 2.99
N LEU A 313 7.31 20.73 2.88
CA LEU A 313 6.62 20.96 1.61
C LEU A 313 7.53 21.62 0.58
N SER B 1 4.83 -34.32 0.24
CA SER B 1 4.56 -35.45 -0.65
C SER B 1 3.09 -35.81 -0.66
N LYS B 2 2.40 -35.34 0.35
CA LYS B 2 1.03 -35.62 0.58
C LYS B 2 0.06 -34.58 -0.06
N ARG B 3 0.47 -33.32 -0.19
CA ARG B 3 -0.37 -32.22 -0.68
C ARG B 3 0.35 -31.31 -1.67
N LYS B 4 -0.31 -31.04 -2.79
CA LYS B 4 0.18 -30.07 -3.77
C LYS B 4 -0.30 -28.69 -3.36
N ILE B 5 0.61 -27.74 -3.24
CA ILE B 5 0.25 -26.39 -2.81
C ILE B 5 0.79 -25.31 -3.75
N VAL B 6 0.24 -24.12 -3.62
CA VAL B 6 0.71 -22.97 -4.37
CA VAL B 6 0.70 -22.96 -4.37
C VAL B 6 1.08 -21.85 -3.39
N LEU B 7 2.23 -21.23 -3.61
CA LEU B 7 2.69 -20.17 -2.72
C LEU B 7 2.73 -18.81 -3.42
N LEU B 8 2.26 -17.78 -2.73
CA LEU B 8 2.49 -16.41 -3.14
C LEU B 8 3.58 -15.85 -2.25
N MET B 9 4.71 -15.50 -2.85
CA MET B 9 5.85 -15.03 -2.06
C MET B 9 6.44 -13.73 -2.61
N ALA B 10 7.07 -12.97 -1.71
CA ALA B 10 7.67 -11.70 -2.09
C ALA B 10 9.07 -11.59 -1.50
N TYR B 11 9.92 -10.80 -2.14
CA TYR B 11 11.29 -10.66 -1.67
C TYR B 11 12.01 -9.43 -2.21
N SER B 12 12.96 -8.94 -1.42
CA SER B 12 13.92 -7.94 -1.89
C SER B 12 15.09 -8.68 -2.53
N GLY B 13 15.37 -8.37 -3.79
CA GLY B 13 16.33 -9.13 -4.56
C GLY B 13 17.79 -8.82 -4.27
N LYS B 14 18.05 -7.70 -3.61
CA LYS B 14 19.41 -7.31 -3.28
C LYS B 14 20.09 -8.32 -2.36
N GLY B 15 21.31 -8.71 -2.70
CA GLY B 15 22.06 -9.67 -1.91
C GLY B 15 21.86 -11.10 -2.40
N TYR B 16 21.11 -11.25 -3.47
CA TYR B 16 20.84 -12.56 -4.02
C TYR B 16 21.20 -12.62 -5.49
N HIS B 17 21.48 -13.79 -5.98
CA HIS B 17 21.76 -14.01 -7.37
C HIS B 17 20.59 -14.48 -8.16
N GLY B 18 19.43 -13.97 -7.87
CA GLY B 18 18.22 -14.34 -8.59
C GLY B 18 17.34 -15.33 -7.84
N MET B 19 16.27 -15.75 -8.50
CA MET B 19 15.30 -16.67 -7.91
C MET B 19 15.83 -18.11 -7.95
N GLN B 20 16.18 -18.57 -9.15
CA GLN B 20 16.61 -19.95 -9.34
C GLN B 20 18.11 -20.05 -9.56
N ARG B 21 18.72 -21.08 -8.99
CA ARG B 21 20.16 -21.31 -9.16
C ARG B 21 20.52 -21.56 -10.62
N ASN B 22 21.21 -20.61 -11.22
CA ASN B 22 21.58 -20.65 -12.62
C ASN B 22 22.75 -19.72 -12.81
N GLN B 27 28.93 -17.41 -7.03
CA GLN B 27 27.69 -16.66 -7.02
C GLN B 27 27.04 -16.68 -5.64
N PHE B 28 26.26 -15.64 -5.34
CA PHE B 28 25.58 -15.54 -4.05
C PHE B 28 24.49 -16.60 -3.98
N LYS B 29 23.85 -16.72 -2.81
CA LYS B 29 22.72 -17.62 -2.68
C LYS B 29 21.54 -17.08 -3.49
N THR B 30 20.57 -17.94 -3.77
CA THR B 30 19.39 -17.53 -4.49
C THR B 30 18.19 -17.47 -3.54
N ILE B 31 17.09 -16.91 -4.00
CA ILE B 31 15.85 -16.87 -3.22
C ILE B 31 15.41 -18.29 -2.87
N GLU B 32 15.52 -19.19 -3.83
CA GLU B 32 15.09 -20.57 -3.64
C GLU B 32 15.94 -21.30 -2.60
N ASP B 33 17.20 -20.90 -2.46
CA ASP B 33 18.05 -21.44 -1.40
C ASP B 33 17.44 -21.19 -0.04
N ASP B 34 17.00 -19.96 0.19
CA ASP B 34 16.35 -19.57 1.45
C ASP B 34 15.02 -20.32 1.62
N LEU B 35 14.25 -20.41 0.54
CA LEU B 35 12.97 -21.10 0.57
C LEU B 35 13.15 -22.58 0.89
N VAL B 36 14.06 -23.23 0.18
CA VAL B 36 14.34 -24.65 0.38
C VAL B 36 14.80 -24.94 1.80
N SER B 37 15.73 -24.13 2.31
CA SER B 37 16.22 -24.29 3.67
CA SER B 37 16.22 -24.29 3.67
C SER B 37 15.08 -24.15 4.68
N ALA B 38 14.18 -23.21 4.41
CA ALA B 38 13.02 -22.99 5.28
C ALA B 38 12.08 -24.19 5.23
N LEU B 39 11.90 -24.77 4.05
CA LEU B 39 11.03 -25.92 3.89
C LEU B 39 11.60 -27.15 4.58
N VAL B 40 12.92 -27.31 4.49
CA VAL B 40 13.60 -28.43 5.13
C VAL B 40 13.60 -28.28 6.65
N ARG B 41 13.96 -27.10 7.12
CA ARG B 41 14.00 -26.82 8.56
C ARG B 41 12.65 -27.02 9.24
N SER B 42 11.59 -26.55 8.58
CA SER B 42 10.24 -26.63 9.13
C SER B 42 9.68 -28.04 9.04
N GLY B 43 10.26 -28.87 8.17
CA GLY B 43 9.80 -30.24 8.00
C GLY B 43 8.74 -30.39 6.93
N CYS B 44 8.59 -29.36 6.10
CA CYS B 44 7.63 -29.41 5.00
C CYS B 44 8.04 -30.43 3.95
N ILE B 45 9.33 -30.50 3.68
CA ILE B 45 9.87 -31.45 2.71
C ILE B 45 11.07 -32.19 3.31
N PRO B 46 11.30 -33.43 2.87
CA PRO B 46 12.50 -34.13 3.32
C PRO B 46 13.74 -33.50 2.69
N GLU B 47 14.92 -33.78 3.24
CA GLU B 47 16.15 -33.17 2.79
C GLU B 47 16.44 -33.44 1.32
N ASN B 48 16.18 -34.67 0.87
CA ASN B 48 16.46 -35.06 -0.51
C ASN B 48 15.62 -34.31 -1.54
N HIS B 49 14.46 -33.81 -1.11
CA HIS B 49 13.61 -33.00 -1.98
C HIS B 49 14.19 -31.61 -2.16
N GLY B 50 15.04 -31.19 -1.23
CA GLY B 50 15.72 -29.92 -1.34
C GLY B 50 16.95 -30.04 -2.23
N GLU B 51 17.55 -31.22 -2.22
CA GLU B 51 18.73 -31.49 -3.05
C GLU B 51 18.32 -31.73 -4.50
N ASP B 52 17.19 -32.42 -4.68
CA ASP B 52 16.61 -32.60 -6.01
C ASP B 52 15.17 -32.08 -5.97
N MET B 53 14.99 -30.84 -6.40
CA MET B 53 13.70 -30.16 -6.29
C MET B 53 12.64 -30.74 -7.23
N ARG B 54 13.07 -31.60 -8.15
CA ARG B 54 12.14 -32.28 -9.04
C ARG B 54 11.28 -33.27 -8.27
N LYS B 55 11.82 -33.76 -7.15
CA LYS B 55 11.13 -34.79 -6.36
C LYS B 55 9.90 -34.24 -5.63
N MET B 56 9.83 -32.92 -5.49
CA MET B 56 8.66 -32.29 -4.90
C MET B 56 7.87 -31.51 -5.95
N SER B 57 8.16 -31.81 -7.22
CA SER B 57 7.47 -31.18 -8.35
C SER B 57 7.49 -29.66 -8.27
N PHE B 58 8.67 -29.10 -7.97
CA PHE B 58 8.79 -27.66 -7.80
C PHE B 58 8.75 -26.91 -9.13
N GLN B 59 7.97 -25.84 -9.17
CA GLN B 59 7.90 -24.95 -10.33
C GLN B 59 7.83 -23.51 -9.86
N ARG B 60 8.44 -22.61 -10.61
CA ARG B 60 8.33 -21.18 -10.34
C ARG B 60 7.87 -20.44 -11.60
N CYS B 61 7.10 -19.38 -11.41
CA CYS B 61 6.48 -18.67 -12.53
C CYS B 61 7.36 -17.61 -13.15
N ALA B 62 8.33 -17.10 -12.39
CA ALA B 62 9.22 -16.06 -12.88
C ALA B 62 10.65 -16.29 -12.43
N ARG B 63 11.56 -16.45 -13.40
CA ARG B 63 12.97 -16.64 -13.10
C ARG B 63 13.64 -15.28 -12.96
N THR B 64 13.36 -14.60 -11.86
CA THR B 64 13.91 -13.26 -11.63
C THR B 64 15.43 -13.30 -11.55
N ASP B 65 16.07 -12.34 -12.20
CA ASP B 65 17.52 -12.32 -12.29
C ASP B 65 18.15 -11.73 -11.03
N LYS B 66 19.48 -11.60 -11.06
CA LYS B 66 20.24 -11.07 -9.93
C LYS B 66 19.81 -9.65 -9.55
N GLY B 67 19.51 -9.46 -8.27
CA GLY B 67 19.13 -8.16 -7.75
C GLY B 67 17.66 -7.82 -7.91
N VAL B 68 16.97 -8.57 -8.76
CA VAL B 68 15.56 -8.31 -9.07
C VAL B 68 14.65 -8.69 -7.91
N SER B 69 13.71 -7.80 -7.58
CA SER B 69 12.77 -8.05 -6.50
C SER B 69 11.44 -8.61 -7.02
N ALA B 70 10.58 -9.03 -6.11
CA ALA B 70 9.26 -9.54 -6.48
C ALA B 70 8.24 -9.25 -5.39
N ALA B 71 7.08 -8.76 -5.79
CA ALA B 71 6.00 -8.50 -4.86
C ALA B 71 4.98 -9.63 -4.91
N GLY B 72 5.03 -10.43 -5.97
CA GLY B 72 4.08 -11.50 -6.15
C GLY B 72 4.60 -12.69 -6.94
N GLN B 73 5.76 -13.19 -6.54
CA GLN B 73 6.29 -14.43 -7.11
C GLN B 73 5.34 -15.57 -6.76
N VAL B 74 5.20 -16.52 -7.69
CA VAL B 74 4.34 -17.67 -7.44
C VAL B 74 5.08 -18.97 -7.71
N VAL B 75 5.02 -19.90 -6.76
CA VAL B 75 5.60 -21.23 -6.93
C VAL B 75 4.59 -22.31 -6.57
N SER B 76 4.83 -23.52 -7.08
CA SER B 76 4.00 -24.67 -6.75
CA SER B 76 4.01 -24.67 -6.75
C SER B 76 4.87 -25.89 -6.47
N LEU B 77 4.46 -26.68 -5.47
CA LEU B 77 5.26 -27.82 -5.04
C LEU B 77 4.47 -28.78 -4.16
N LYS B 78 5.05 -29.94 -3.91
CA LYS B 78 4.45 -30.93 -3.02
C LYS B 78 5.13 -30.88 -1.66
N VAL B 79 4.33 -30.79 -0.61
CA VAL B 79 4.86 -30.74 0.75
C VAL B 79 4.05 -31.63 1.70
N TRP B 80 4.57 -31.81 2.91
CA TRP B 80 3.76 -32.31 4.00
C TRP B 80 3.00 -31.14 4.58
N LEU B 81 1.68 -31.19 4.53
CA LEU B 81 0.86 -30.07 4.98
C LEU B 81 0.83 -29.99 6.50
N ILE B 82 1.93 -29.53 7.08
CA ILE B 82 2.04 -29.41 8.53
C ILE B 82 1.12 -28.31 9.06
N ASP B 83 0.80 -28.36 10.35
CA ASP B 83 -0.03 -27.35 10.97
C ASP B 83 0.71 -26.01 11.01
N ASP B 84 -0.03 -24.92 10.82
CA ASP B 84 0.54 -23.58 10.83
C ASP B 84 1.69 -23.46 9.83
N ILE B 85 1.55 -24.11 8.69
CA ILE B 85 2.61 -24.20 7.70
C ILE B 85 3.12 -22.83 7.22
N LEU B 86 2.19 -21.89 7.04
CA LEU B 86 2.55 -20.56 6.58
C LEU B 86 3.46 -19.85 7.57
N GLU B 87 3.07 -19.85 8.84
CA GLU B 87 3.86 -19.22 9.90
C GLU B 87 5.20 -19.90 10.10
N LYS B 88 5.20 -21.23 10.03
CA LYS B 88 6.41 -22.01 10.27
C LYS B 88 7.48 -21.78 9.21
N ILE B 89 7.07 -21.75 7.94
CA ILE B 89 8.00 -21.48 6.85
C ILE B 89 8.60 -20.08 7.00
N ASN B 90 7.76 -19.10 7.26
CA ASN B 90 8.20 -17.72 7.43
C ASN B 90 9.16 -17.54 8.61
N SER B 91 9.03 -18.41 9.62
CA SER B 91 9.87 -18.33 10.80
C SER B 91 11.33 -18.69 10.51
N HIS B 92 11.55 -19.36 9.39
CA HIS B 92 12.90 -19.75 8.99
C HIS B 92 13.44 -18.86 7.88
N LEU B 93 12.70 -17.81 7.57
CA LEU B 93 13.10 -16.87 6.51
C LEU B 93 13.55 -15.54 7.11
N PRO B 94 14.42 -14.81 6.38
CA PRO B 94 14.78 -13.45 6.80
C PRO B 94 13.59 -12.52 6.57
N SER B 95 13.65 -11.32 7.13
CA SER B 95 12.56 -10.35 7.01
CA SER B 95 12.55 -10.37 7.01
C SER B 95 12.25 -10.01 5.56
N HIS B 96 13.29 -9.93 4.74
CA HIS B 96 13.13 -9.48 3.35
C HIS B 96 12.66 -10.57 2.39
N ILE B 97 12.27 -11.72 2.92
CA ILE B 97 11.56 -12.73 2.14
C ILE B 97 10.34 -13.19 2.94
N ARG B 98 9.17 -13.10 2.33
CA ARG B 98 7.94 -13.47 3.00
C ARG B 98 7.06 -14.36 2.14
N ILE B 99 6.48 -15.38 2.77
CA ILE B 99 5.45 -16.17 2.11
C ILE B 99 4.11 -15.52 2.44
N LEU B 100 3.50 -14.88 1.45
CA LEU B 100 2.30 -14.09 1.68
C LEU B 100 1.03 -14.93 1.67
N GLY B 101 0.99 -15.93 0.81
CA GLY B 101 -0.19 -16.76 0.67
C GLY B 101 0.13 -18.21 0.38
N LEU B 102 -0.77 -19.09 0.80
CA LEU B 102 -0.62 -20.53 0.60
C LEU B 102 -2.00 -21.13 0.36
N LYS B 103 -2.11 -21.94 -0.70
CA LYS B 103 -3.38 -22.58 -1.02
C LYS B 103 -3.20 -24.03 -1.47
N ARG B 104 -4.08 -24.90 -0.99
CA ARG B 104 -4.11 -26.29 -1.45
C ARG B 104 -4.69 -26.34 -2.84
N VAL B 105 -4.07 -27.13 -3.71
CA VAL B 105 -4.56 -27.31 -5.07
C VAL B 105 -4.55 -28.78 -5.46
N THR B 106 -5.12 -29.08 -6.62
CA THR B 106 -5.15 -30.45 -7.11
C THR B 106 -3.72 -30.92 -7.42
N GLY B 107 -3.51 -32.23 -7.36
CA GLY B 107 -2.18 -32.80 -7.49
C GLY B 107 -1.45 -32.51 -8.79
N GLY B 108 -2.21 -32.24 -9.85
CA GLY B 108 -1.62 -32.00 -11.16
C GLY B 108 -1.41 -30.54 -11.49
N PHE B 109 -1.67 -29.66 -10.52
CA PHE B 109 -1.58 -28.22 -10.77
C PHE B 109 -0.13 -27.76 -10.93
N ASN B 110 0.16 -27.17 -12.09
CA ASN B 110 1.47 -26.59 -12.37
C ASN B 110 1.31 -25.09 -12.58
N SER B 111 1.76 -24.30 -11.61
CA SER B 111 1.59 -22.85 -11.64
C SER B 111 2.18 -22.18 -12.88
N LYS B 112 3.37 -22.63 -13.28
CA LYS B 112 4.04 -22.07 -14.44
C LYS B 112 3.22 -22.30 -15.72
N ASN B 113 2.61 -23.46 -15.82
CA ASN B 113 1.81 -23.81 -16.99
C ASN B 113 0.48 -23.06 -17.07
N ARG B 114 0.01 -22.57 -15.93
CA ARG B 114 -1.33 -21.99 -15.85
C ARG B 114 -1.37 -20.46 -15.97
N CYS B 115 -0.25 -19.81 -15.66
CA CYS B 115 -0.19 -18.36 -15.75
C CYS B 115 -0.18 -17.89 -17.20
N ASP B 116 -0.79 -16.74 -17.47
CA ASP B 116 -0.92 -16.25 -18.84
C ASP B 116 -0.06 -15.02 -19.12
N ALA B 117 0.41 -14.36 -18.07
CA ALA B 117 1.23 -13.16 -18.22
C ALA B 117 1.95 -12.78 -16.93
N ARG B 118 2.92 -11.87 -17.05
CA ARG B 118 3.58 -11.28 -15.90
C ARG B 118 3.58 -9.76 -16.05
N THR B 119 3.36 -9.08 -14.94
CA THR B 119 3.50 -7.62 -14.90
C THR B 119 4.68 -7.23 -14.02
N TYR B 120 5.60 -6.47 -14.58
CA TYR B 120 6.75 -5.96 -13.84
C TYR B 120 6.68 -4.44 -13.77
N CYS B 121 7.36 -3.87 -12.78
CA CYS B 121 7.60 -2.44 -12.78
C CYS B 121 9.09 -2.18 -12.60
N TYR B 122 9.55 -1.01 -13.02
CA TYR B 122 10.96 -0.66 -12.92
C TYR B 122 11.12 0.72 -12.30
N LEU B 123 11.57 0.75 -11.05
CA LEU B 123 11.76 2.00 -10.32
C LEU B 123 13.17 2.54 -10.55
N LEU B 124 13.26 3.74 -11.11
CA LEU B 124 14.56 4.31 -11.44
C LEU B 124 14.61 5.82 -11.22
N PRO B 125 15.79 6.35 -10.83
CA PRO B 125 16.01 7.78 -10.72
C PRO B 125 15.76 8.46 -12.07
N THR B 126 15.11 9.61 -12.06
CA THR B 126 14.70 10.25 -13.31
C THR B 126 15.84 10.83 -14.13
N PHE B 127 17.02 10.98 -13.55
CA PHE B 127 18.16 11.49 -14.32
C PHE B 127 18.66 10.48 -15.36
N ALA B 128 18.05 9.29 -15.37
CA ALA B 128 18.27 8.32 -16.43
C ALA B 128 17.59 8.78 -17.72
N PHE B 129 16.78 9.82 -17.63
CA PHE B 129 16.10 10.38 -18.79
C PHE B 129 16.63 11.76 -19.16
N ALA B 130 17.52 12.30 -18.34
CA ALA B 130 18.09 13.62 -18.59
C ALA B 130 18.95 13.60 -19.86
N HIS B 131 18.68 14.53 -20.76
CA HIS B 131 19.47 14.62 -22.00
C HIS B 131 20.91 14.99 -21.68
N LYS B 132 21.85 14.30 -22.30
CA LYS B 132 23.27 14.44 -21.97
C LYS B 132 23.85 15.81 -22.31
N ASP B 133 23.10 16.62 -23.06
CA ASP B 133 23.57 17.93 -23.47
C ASP B 133 22.66 19.06 -23.00
N ARG B 134 21.35 18.88 -23.18
CA ARG B 134 20.38 19.93 -22.89
C ARG B 134 20.07 20.09 -21.40
N ASP B 135 20.06 18.98 -20.67
CA ASP B 135 19.60 18.99 -19.29
C ASP B 135 20.75 19.05 -18.28
N VAL B 136 20.42 19.35 -17.04
CA VAL B 136 21.42 19.36 -15.98
C VAL B 136 21.88 17.92 -15.69
N GLN B 137 23.14 17.79 -15.28
CA GLN B 137 23.75 16.47 -15.12
C GLN B 137 23.82 16.01 -13.67
N ASP B 138 23.30 16.82 -12.75
CA ASP B 138 23.30 16.45 -11.33
C ASP B 138 21.96 15.88 -10.88
N GLU B 139 21.83 15.66 -9.58
CA GLU B 139 20.65 15.01 -9.02
C GLU B 139 19.47 15.97 -8.88
N THR B 140 19.71 17.24 -9.18
CA THR B 140 18.66 18.24 -9.08
C THR B 140 17.76 18.23 -10.32
N TYR B 141 18.11 17.39 -11.28
CA TYR B 141 17.30 17.24 -12.50
C TYR B 141 15.87 16.85 -12.15
N ARG B 142 14.92 17.46 -12.85
CA ARG B 142 13.52 17.10 -12.70
C ARG B 142 12.93 16.79 -14.06
N LEU B 143 12.28 15.64 -14.16
CA LEU B 143 11.73 15.16 -15.42
C LEU B 143 10.65 16.08 -15.97
N SER B 144 10.78 16.48 -17.23
CA SER B 144 9.81 17.35 -17.87
C SER B 144 8.67 16.56 -18.49
N ALA B 145 7.54 17.23 -18.73
CA ALA B 145 6.40 16.60 -19.37
C ALA B 145 6.74 16.17 -20.79
N GLU B 146 7.56 16.98 -21.46
CA GLU B 146 7.97 16.69 -22.83
C GLU B 146 8.85 15.44 -22.90
N THR B 147 9.76 15.30 -21.95
CA THR B 147 10.65 14.14 -21.93
C THR B 147 9.89 12.86 -21.58
N LEU B 148 9.00 12.96 -20.60
CA LEU B 148 8.16 11.82 -20.22
C LEU B 148 7.29 11.38 -21.39
N GLN B 149 6.82 12.36 -22.16
CA GLN B 149 6.00 12.08 -23.33
C GLN B 149 6.82 11.32 -24.38
N GLN B 150 8.09 11.68 -24.52
CA GLN B 150 8.98 10.97 -25.42
C GLN B 150 9.20 9.54 -24.96
N VAL B 151 9.46 9.38 -23.66
CA VAL B 151 9.66 8.06 -23.06
C VAL B 151 8.47 7.15 -23.33
N ASN B 152 7.27 7.67 -23.08
CA ASN B 152 6.05 6.90 -23.28
C ASN B 152 5.77 6.55 -24.74
N ARG B 153 6.09 7.47 -25.65
CA ARG B 153 5.92 7.23 -27.07
C ARG B 153 6.85 6.10 -27.53
N LEU B 154 8.08 6.11 -27.02
CA LEU B 154 9.06 5.09 -27.35
C LEU B 154 8.69 3.74 -26.74
N LEU B 155 8.27 3.75 -25.48
CA LEU B 155 7.88 2.52 -24.79
C LEU B 155 6.67 1.88 -25.46
N ALA B 156 5.80 2.71 -26.02
CA ALA B 156 4.59 2.23 -26.68
C ALA B 156 4.91 1.42 -27.93
N CYS B 157 6.06 1.69 -28.52
CA CYS B 157 6.49 0.97 -29.72
C CYS B 157 6.79 -0.50 -29.43
N TYR B 158 7.05 -0.81 -28.17
CA TYR B 158 7.35 -2.18 -27.76
C TYR B 158 6.09 -3.05 -27.77
N LYS B 159 4.92 -2.42 -27.71
CA LYS B 159 3.66 -3.14 -27.65
C LYS B 159 3.43 -3.99 -28.90
N GLY B 160 2.89 -5.20 -28.70
CA GLY B 160 2.65 -6.12 -29.79
C GLY B 160 3.56 -7.34 -29.69
N THR B 161 3.66 -8.08 -30.78
CA THR B 161 4.53 -9.26 -30.83
C THR B 161 5.70 -9.03 -31.77
N HIS B 162 6.90 -8.89 -31.20
CA HIS B 162 8.10 -8.60 -31.98
C HIS B 162 9.19 -9.64 -31.71
N ASN B 163 10.19 -9.66 -32.58
CA ASN B 163 11.37 -10.49 -32.35
C ASN B 163 12.38 -9.73 -31.49
N PHE B 164 12.51 -10.16 -30.24
CA PHE B 164 13.37 -9.46 -29.27
C PHE B 164 14.75 -10.08 -29.15
N HIS B 165 15.31 -10.56 -30.26
CA HIS B 165 16.61 -11.23 -30.24
C HIS B 165 17.74 -10.32 -29.74
N ASN B 166 17.66 -9.04 -30.10
CA ASN B 166 18.67 -8.06 -29.67
C ASN B 166 18.51 -7.66 -28.21
N PHE B 167 17.41 -8.08 -27.59
CA PHE B 167 17.11 -7.69 -26.22
C PHE B 167 17.36 -8.84 -25.24
N THR B 168 18.07 -9.86 -25.72
CA THR B 168 18.40 -11.01 -24.88
C THR B 168 19.69 -11.66 -25.37
N SER B 169 20.07 -12.77 -24.75
CA SER B 169 21.25 -13.51 -25.17
C SER B 169 20.86 -14.85 -25.78
N GLN B 170 21.82 -15.47 -26.46
CA GLN B 170 21.67 -16.82 -27.00
C GLN B 170 20.57 -16.95 -28.06
N LYS B 171 20.29 -15.84 -28.75
CA LYS B 171 19.33 -15.85 -29.83
C LYS B 171 19.93 -15.18 -31.06
N GLY B 172 19.89 -15.88 -32.20
CA GLY B 172 20.44 -15.36 -33.44
C GLY B 172 19.68 -14.14 -33.93
N PRO B 173 19.82 -13.85 -35.22
CA PRO B 173 19.14 -12.70 -35.83
C PRO B 173 17.69 -13.01 -36.16
N GLN B 174 17.46 -14.10 -36.90
CA GLN B 174 16.12 -14.50 -37.28
C GLN B 174 15.47 -15.51 -36.34
N ASP B 175 16.22 -15.90 -35.31
CA ASP B 175 15.73 -16.87 -34.33
C ASP B 175 14.23 -16.65 -34.13
N PRO B 176 13.44 -17.68 -34.38
CA PRO B 176 11.98 -17.60 -34.24
C PRO B 176 11.55 -17.69 -32.77
N SER B 177 12.34 -18.41 -31.97
CA SER B 177 12.03 -18.57 -30.55
C SER B 177 12.24 -17.28 -29.76
N ALA B 178 12.61 -16.21 -30.46
CA ALA B 178 12.89 -14.94 -29.79
C ALA B 178 11.70 -13.98 -29.86
N CYS B 179 10.62 -14.41 -30.51
CA CYS B 179 9.43 -13.58 -30.60
C CYS B 179 8.65 -13.61 -29.28
N ARG B 180 8.32 -12.42 -28.76
CA ARG B 180 7.60 -12.30 -27.51
C ARG B 180 6.48 -11.27 -27.62
N TYR B 181 5.48 -11.41 -26.76
CA TYR B 181 4.29 -10.55 -26.82
C TYR B 181 4.22 -9.59 -25.65
N ILE B 182 4.16 -8.29 -25.97
CA ILE B 182 4.06 -7.24 -24.96
C ILE B 182 2.67 -6.62 -25.00
N LEU B 183 1.99 -6.64 -23.86
CA LEU B 183 0.61 -6.16 -23.79
C LEU B 183 0.54 -4.66 -23.52
N GLU B 184 1.46 -4.17 -22.69
CA GLU B 184 1.49 -2.76 -22.35
C GLU B 184 2.85 -2.37 -21.77
N MET B 185 3.26 -1.13 -22.03
CA MET B 185 4.47 -0.59 -21.42
C MET B 185 4.41 0.94 -21.42
N TYR B 186 4.66 1.52 -20.24
CA TYR B 186 4.58 2.97 -20.09
C TYR B 186 5.37 3.42 -18.87
N CYS B 187 5.48 4.74 -18.70
CA CYS B 187 6.20 5.30 -17.56
C CYS B 187 5.28 6.28 -16.81
N GLU B 188 5.19 6.11 -15.50
CA GLU B 188 4.36 6.97 -14.67
C GLU B 188 5.02 8.32 -14.41
N GLU B 189 4.23 9.31 -14.04
CA GLU B 189 4.76 10.62 -13.66
C GLU B 189 5.64 10.47 -12.42
N PRO B 190 6.67 11.33 -12.30
CA PRO B 190 7.68 11.13 -11.26
C PRO B 190 7.23 11.49 -9.85
N PHE B 191 7.98 11.03 -8.86
CA PHE B 191 7.79 11.45 -7.48
C PHE B 191 9.14 11.68 -6.82
N VAL B 192 9.16 12.48 -5.76
CA VAL B 192 10.41 12.88 -5.13
C VAL B 192 10.51 12.44 -3.67
N ARG B 193 11.64 11.84 -3.31
CA ARG B 193 11.91 11.45 -1.93
C ARG B 193 13.25 12.01 -1.47
N GLU B 194 13.19 13.08 -0.67
CA GLU B 194 14.38 13.73 -0.12
C GLU B 194 15.34 14.25 -1.19
N GLY B 195 14.83 15.08 -2.10
CA GLY B 195 15.65 15.71 -3.11
C GLY B 195 16.01 14.82 -4.28
N LEU B 196 15.61 13.56 -4.21
CA LEU B 196 15.86 12.61 -5.28
C LEU B 196 14.56 12.24 -5.98
N GLU B 197 14.53 12.38 -7.29
CA GLU B 197 13.31 12.11 -8.06
C GLU B 197 13.35 10.74 -8.73
N PHE B 198 12.24 10.02 -8.67
CA PHE B 198 12.12 8.69 -9.25
C PHE B 198 10.89 8.62 -10.14
N ALA B 199 10.89 7.65 -11.06
CA ALA B 199 9.72 7.35 -11.85
C ALA B 199 9.56 5.83 -11.96
N VAL B 200 8.37 5.37 -12.29
CA VAL B 200 8.11 3.93 -12.39
C VAL B 200 7.68 3.54 -13.80
N ILE B 201 8.46 2.68 -14.43
CA ILE B 201 8.08 2.09 -15.71
C ILE B 201 7.36 0.79 -15.42
N ARG B 202 6.22 0.57 -16.09
CA ARG B 202 5.49 -0.68 -15.92
C ARG B 202 5.34 -1.40 -17.26
N VAL B 203 5.51 -2.71 -17.24
CA VAL B 203 5.36 -3.52 -18.44
C VAL B 203 4.57 -4.80 -18.15
N LYS B 204 3.67 -5.15 -19.06
CA LYS B 204 2.96 -6.42 -18.98
C LYS B 204 3.22 -7.22 -20.25
N GLY B 205 3.69 -8.45 -20.09
CA GLY B 205 3.97 -9.31 -21.22
C GLY B 205 3.54 -10.74 -20.94
N GLN B 206 3.33 -11.50 -22.01
CA GLN B 206 2.95 -12.91 -21.88
C GLN B 206 4.08 -13.67 -21.20
N SER B 207 5.30 -13.46 -21.70
CA SER B 207 6.49 -14.05 -21.11
C SER B 207 7.70 -13.21 -21.45
N PHE B 208 8.77 -13.35 -20.67
CA PHE B 208 9.97 -12.57 -20.89
C PHE B 208 11.22 -13.46 -20.98
N MET B 209 12.10 -13.13 -21.92
CA MET B 209 13.37 -13.82 -22.03
C MET B 209 14.40 -13.19 -21.10
N MET B 210 15.56 -13.83 -20.98
CA MET B 210 16.64 -13.35 -20.13
C MET B 210 17.06 -11.93 -20.53
N HIS B 211 17.18 -11.05 -19.54
CA HIS B 211 17.63 -9.67 -19.73
C HIS B 211 16.69 -8.80 -20.56
N GLN B 212 15.54 -9.32 -20.95
CA GLN B 212 14.66 -8.63 -21.90
C GLN B 212 14.15 -7.27 -21.43
N ILE B 213 13.49 -7.24 -20.27
CA ILE B 213 12.93 -6.00 -19.75
C ILE B 213 13.98 -4.93 -19.50
N ARG B 214 15.09 -5.34 -18.89
CA ARG B 214 16.17 -4.41 -18.58
C ARG B 214 16.84 -3.84 -19.83
N LYS B 215 16.86 -4.63 -20.90
CA LYS B 215 17.38 -4.14 -22.17
C LYS B 215 16.36 -3.25 -22.89
N MET B 216 15.08 -3.58 -22.76
CA MET B 216 14.02 -2.73 -23.30
C MET B 216 14.08 -1.35 -22.66
N VAL B 217 14.28 -1.32 -21.35
CA VAL B 217 14.44 -0.06 -20.63
C VAL B 217 15.74 0.62 -21.03
N GLY B 218 16.81 -0.16 -21.09
CA GLY B 218 18.14 0.36 -21.39
C GLY B 218 18.22 1.09 -22.72
N LEU B 219 17.59 0.53 -23.75
CA LEU B 219 17.60 1.14 -25.07
C LEU B 219 16.87 2.48 -25.08
N VAL B 220 15.71 2.51 -24.42
CA VAL B 220 14.93 3.75 -24.34
C VAL B 220 15.70 4.82 -23.58
N VAL B 221 16.40 4.42 -22.51
CA VAL B 221 17.26 5.32 -21.76
C VAL B 221 18.34 5.91 -22.66
N ALA B 222 19.00 5.03 -23.43
CA ALA B 222 20.05 5.46 -24.33
C ALA B 222 19.54 6.45 -25.37
N ILE B 223 18.34 6.19 -25.89
CA ILE B 223 17.73 7.06 -26.89
C ILE B 223 17.38 8.42 -26.29
N VAL B 224 16.67 8.40 -25.17
CA VAL B 224 16.21 9.62 -24.53
C VAL B 224 17.35 10.53 -24.07
N LYS B 225 18.41 9.93 -23.55
CA LYS B 225 19.57 10.69 -23.08
C LYS B 225 20.38 11.28 -24.24
N GLY B 226 20.18 10.73 -25.43
CA GLY B 226 20.81 11.26 -26.62
C GLY B 226 22.01 10.46 -27.10
N TYR B 227 22.17 9.24 -26.58
CA TYR B 227 23.28 8.38 -26.97
C TYR B 227 22.95 7.58 -28.22
N ALA B 228 21.69 7.60 -28.62
CA ALA B 228 21.25 6.86 -29.80
C ALA B 228 20.02 7.53 -30.43
N PRO B 229 19.92 7.47 -31.77
CA PRO B 229 18.75 8.04 -32.46
C PRO B 229 17.53 7.17 -32.22
N GLU B 230 16.33 7.73 -32.36
CA GLU B 230 15.10 6.98 -32.14
C GLU B 230 14.95 5.83 -33.13
N SER B 231 15.63 5.93 -34.27
CA SER B 231 15.55 4.93 -35.33
C SER B 231 16.15 3.59 -34.91
N VAL B 232 17.02 3.62 -33.90
CA VAL B 232 17.68 2.40 -33.44
C VAL B 232 16.67 1.40 -32.87
N LEU B 233 15.51 1.90 -32.46
CA LEU B 233 14.48 1.05 -31.87
C LEU B 233 13.85 0.12 -32.91
N GLU B 234 13.39 0.71 -34.01
CA GLU B 234 12.76 -0.07 -35.07
C GLU B 234 13.80 -0.91 -35.80
N ARG B 235 15.06 -0.47 -35.75
CA ARG B 235 16.15 -1.22 -36.36
C ARG B 235 16.50 -2.47 -35.55
N SER B 236 16.29 -2.41 -34.24
CA SER B 236 16.63 -3.52 -33.35
C SER B 236 15.78 -4.76 -33.59
N TRP B 237 14.68 -4.60 -34.33
CA TRP B 237 13.83 -5.74 -34.67
C TRP B 237 14.47 -6.58 -35.77
N GLY B 238 15.22 -5.92 -36.66
CA GLY B 238 15.77 -6.56 -37.83
C GLY B 238 16.98 -7.44 -37.60
N THR B 239 17.72 -7.69 -38.68
CA THR B 239 18.87 -8.57 -38.63
C THR B 239 20.13 -7.88 -38.12
N GLU B 240 20.07 -6.56 -37.99
CA GLU B 240 21.18 -5.80 -37.42
C GLU B 240 21.45 -6.22 -35.99
N LYS B 241 22.72 -6.45 -35.67
CA LYS B 241 23.11 -6.75 -34.31
C LYS B 241 23.33 -5.46 -33.52
N VAL B 242 22.43 -5.20 -32.58
CA VAL B 242 22.51 -4.00 -31.76
C VAL B 242 22.87 -4.37 -30.32
N ASP B 243 24.00 -3.84 -29.85
CA ASP B 243 24.40 -4.00 -28.47
C ASP B 243 23.52 -3.13 -27.58
N VAL B 244 22.41 -3.69 -27.14
CA VAL B 244 21.44 -2.94 -26.34
C VAL B 244 21.89 -2.83 -24.89
N PRO B 245 21.96 -1.60 -24.36
CA PRO B 245 22.36 -1.38 -22.97
C PRO B 245 21.41 -2.11 -22.03
N LYS B 246 21.97 -2.70 -20.97
CA LYS B 246 21.20 -3.48 -20.02
C LYS B 246 21.12 -2.80 -18.67
N ALA B 247 19.94 -2.29 -18.33
CA ALA B 247 19.72 -1.61 -17.06
C ALA B 247 19.90 -2.56 -15.88
N PRO B 248 20.34 -2.04 -14.72
CA PRO B 248 20.57 -2.88 -13.54
C PRO B 248 19.30 -3.58 -13.05
N GLY B 249 19.46 -4.68 -12.34
CA GLY B 249 18.31 -5.44 -11.85
C GLY B 249 17.67 -4.84 -10.62
N LEU B 250 18.38 -3.92 -9.97
CA LEU B 250 17.94 -3.32 -8.71
C LEU B 250 16.53 -2.75 -8.78
N GLY B 251 16.23 -2.02 -9.85
CA GLY B 251 14.96 -1.34 -9.97
C GLY B 251 13.80 -2.22 -10.43
N LEU B 252 14.11 -3.43 -10.88
CA LEU B 252 13.09 -4.30 -11.45
C LEU B 252 12.31 -5.05 -10.37
N VAL B 253 10.99 -4.98 -10.44
CA VAL B 253 10.13 -5.65 -9.47
C VAL B 253 9.01 -6.44 -10.16
N LEU B 254 8.93 -7.74 -9.88
CA LEU B 254 7.82 -8.55 -10.35
C LEU B 254 6.58 -8.25 -9.53
N GLU B 255 5.60 -7.59 -10.16
CA GLU B 255 4.40 -7.18 -9.44
C GLU B 255 3.34 -8.28 -9.38
N ARG B 256 3.12 -8.96 -10.51
CA ARG B 256 2.01 -9.89 -10.58
C ARG B 256 2.20 -11.02 -11.60
N VAL B 257 1.84 -12.22 -11.18
CA VAL B 257 1.74 -13.37 -12.08
C VAL B 257 0.26 -13.62 -12.36
N HIS B 258 -0.13 -13.46 -13.61
CA HIS B 258 -1.55 -13.44 -13.98
C HIS B 258 -2.16 -14.83 -14.21
N PHE B 259 -3.29 -15.08 -13.57
CA PHE B 259 -4.02 -16.34 -13.73
C PHE B 259 -5.45 -16.11 -14.22
N GLU B 260 -5.73 -14.92 -14.74
CA GLU B 260 -7.07 -14.56 -15.19
C GLU B 260 -7.64 -15.49 -16.24
N LYS B 261 -6.86 -15.75 -17.29
CA LYS B 261 -7.32 -16.58 -18.40
C LYS B 261 -7.57 -18.03 -17.98
N TYR B 262 -6.79 -18.50 -17.02
CA TYR B 262 -7.01 -19.82 -16.45
C TYR B 262 -8.32 -19.84 -15.68
N ASN B 263 -8.52 -18.84 -14.83
CA ASN B 263 -9.74 -18.73 -14.04
C ASN B 263 -10.98 -18.58 -14.92
N GLN B 264 -10.82 -17.92 -16.05
CA GLN B 264 -11.94 -17.65 -16.95
C GLN B 264 -12.40 -18.90 -17.71
N ARG B 265 -11.44 -19.62 -18.31
CA ARG B 265 -11.78 -20.72 -19.21
C ARG B 265 -11.77 -22.10 -18.54
N PHE B 266 -11.01 -22.24 -17.47
CA PHE B 266 -10.92 -23.52 -16.76
C PHE B 266 -11.67 -23.51 -15.44
N GLY B 267 -11.68 -22.36 -14.77
CA GLY B 267 -12.23 -22.24 -13.44
C GLY B 267 -13.69 -22.60 -13.29
N ASN B 268 -14.42 -22.60 -14.40
CA ASN B 268 -15.84 -22.93 -14.39
C ASN B 268 -16.08 -24.43 -14.24
N ASP B 269 -15.21 -25.22 -14.86
CA ASP B 269 -15.32 -26.67 -14.79
C ASP B 269 -14.07 -27.19 -15.49
N GLY B 270 -13.76 -28.47 -15.29
CA GLY B 270 -14.58 -29.32 -14.45
C GLY B 270 -14.01 -29.50 -13.05
N LEU B 271 -12.86 -30.15 -12.97
CA LEU B 271 -12.20 -30.39 -11.69
C LEU B 271 -11.17 -29.29 -11.40
N HIS B 272 -11.18 -28.25 -12.22
CA HIS B 272 -10.25 -27.14 -12.04
C HIS B 272 -10.83 -26.06 -11.15
N GLU B 273 -10.04 -25.59 -10.21
CA GLU B 273 -10.44 -24.50 -9.33
C GLU B 273 -9.65 -23.24 -9.63
N PRO B 274 -10.33 -22.08 -9.64
CA PRO B 274 -9.69 -20.78 -9.93
C PRO B 274 -8.62 -20.44 -8.90
N LEU B 275 -7.68 -19.58 -9.28
CA LEU B 275 -6.62 -19.15 -8.38
C LEU B 275 -6.54 -17.63 -8.27
N ASP B 276 -6.75 -17.12 -7.06
CA ASP B 276 -6.62 -15.69 -6.80
C ASP B 276 -6.03 -15.48 -5.40
N TRP B 277 -5.63 -14.25 -5.11
CA TRP B 277 -5.00 -13.94 -3.83
C TRP B 277 -5.72 -12.79 -3.12
N ALA B 278 -7.03 -12.94 -2.97
CA ALA B 278 -7.88 -11.89 -2.40
C ALA B 278 -7.47 -11.48 -0.99
N GLN B 279 -7.24 -12.45 -0.13
CA GLN B 279 -6.96 -12.18 1.27
C GLN B 279 -5.53 -11.71 1.52
N GLU B 280 -4.71 -11.69 0.48
CA GLU B 280 -3.31 -11.34 0.62
C GLU B 280 -2.98 -9.95 0.10
N GLU B 281 -3.98 -9.24 -0.40
CA GLU B 281 -3.78 -7.92 -1.00
C GLU B 281 -3.14 -6.92 -0.05
N GLY B 282 -3.55 -6.97 1.22
CA GLY B 282 -2.99 -6.09 2.22
C GLY B 282 -1.51 -6.35 2.44
N LYS B 283 -1.15 -7.64 2.49
CA LYS B 283 0.24 -8.03 2.69
C LYS B 283 1.12 -7.65 1.51
N VAL B 284 0.58 -7.79 0.30
CA VAL B 284 1.32 -7.47 -0.93
C VAL B 284 1.71 -6.00 -0.95
N ALA B 285 0.73 -5.13 -0.71
CA ALA B 285 0.98 -3.69 -0.67
C ALA B 285 1.93 -3.35 0.47
N ALA B 286 1.73 -3.97 1.62
CA ALA B 286 2.54 -3.70 2.80
C ALA B 286 4.00 -4.07 2.57
N PHE B 287 4.25 -5.23 1.98
CA PHE B 287 5.61 -5.68 1.74
C PHE B 287 6.33 -4.78 0.74
N LYS B 288 5.60 -4.28 -0.24
CA LYS B 288 6.18 -3.35 -1.22
C LYS B 288 6.63 -2.06 -0.56
N GLU B 289 5.79 -1.53 0.33
CA GLU B 289 6.07 -0.27 1.00
C GLU B 289 7.16 -0.40 2.06
N GLU B 290 7.30 -1.61 2.62
CA GLU B 290 8.20 -1.81 3.74
C GLU B 290 9.55 -2.43 3.36
N HIS B 291 9.55 -3.40 2.45
CA HIS B 291 10.77 -4.16 2.17
C HIS B 291 11.34 -4.02 0.76
N ILE B 292 10.51 -3.64 -0.20
CA ILE B 292 10.98 -3.56 -1.59
C ILE B 292 11.45 -2.17 -2.02
N TYR B 293 10.56 -1.19 -1.95
CA TYR B 293 10.84 0.18 -2.39
CA TYR B 293 10.89 0.15 -2.42
C TYR B 293 11.90 0.92 -1.55
N PRO B 294 11.82 0.78 -0.21
CA PRO B 294 12.86 1.49 0.56
C PRO B 294 14.27 1.01 0.27
N THR B 295 14.43 -0.29 -0.01
CA THR B 295 15.74 -0.86 -0.32
C THR B 295 16.25 -0.34 -1.67
N ILE B 296 15.36 -0.26 -2.64
CA ILE B 296 15.72 0.25 -3.97
C ILE B 296 16.07 1.74 -3.92
N ILE B 297 15.21 2.53 -3.29
CA ILE B 297 15.45 3.95 -3.13
C ILE B 297 16.71 4.21 -2.30
N GLY B 298 16.84 3.48 -1.21
CA GLY B 298 17.98 3.62 -0.33
C GLY B 298 19.30 3.26 -0.99
N THR B 299 19.28 2.23 -1.82
CA THR B 299 20.48 1.79 -2.52
C THR B 299 20.94 2.82 -3.55
N GLU B 300 19.98 3.42 -4.26
CA GLU B 300 20.31 4.47 -5.21
C GLU B 300 20.87 5.70 -4.50
N ARG B 301 20.30 6.00 -3.34
CA ARG B 301 20.74 7.15 -2.55
C ARG B 301 22.15 6.93 -1.99
N ASP B 302 22.41 5.74 -1.49
CA ASP B 302 23.66 5.47 -0.79
C ASP B 302 24.76 4.86 -1.66
N GLU B 303 24.38 4.09 -2.67
CA GLU B 303 25.36 3.37 -3.48
C GLU B 303 25.41 3.84 -4.94
N ARG B 304 24.39 4.59 -5.36
CA ARG B 304 24.37 5.20 -6.68
C ARG B 304 24.51 4.19 -7.82
N SER B 305 23.68 3.15 -7.77
CA SER B 305 23.69 2.09 -8.77
CA SER B 305 23.70 2.09 -8.78
C SER B 305 23.39 2.61 -10.18
N MET B 306 22.31 3.39 -10.30
CA MET B 306 21.90 3.92 -11.59
C MET B 306 22.92 4.90 -12.17
N ALA B 307 23.43 5.79 -11.32
CA ALA B 307 24.41 6.78 -11.74
C ALA B 307 25.65 6.12 -12.33
N GLN B 308 26.07 5.01 -11.73
CA GLN B 308 27.22 4.28 -12.21
C GLN B 308 26.96 3.62 -13.57
N TRP B 309 25.80 2.98 -13.70
CA TRP B 309 25.47 2.30 -14.94
C TRP B 309 25.31 3.27 -16.10
N LEU B 310 24.76 4.46 -15.82
CA LEU B 310 24.56 5.47 -16.84
C LEU B 310 25.89 5.96 -17.42
N SER B 311 26.97 5.81 -16.65
CA SER B 311 28.28 6.25 -17.11
C SER B 311 28.90 5.29 -18.12
N THR B 312 28.24 4.15 -18.33
CA THR B 312 28.70 3.16 -19.29
C THR B 312 28.11 3.40 -20.68
N LEU B 313 27.15 4.32 -20.76
CA LEU B 313 26.45 4.59 -22.01
C LEU B 313 27.35 5.33 -23.00
#